data_7OEQ
#
_entry.id   7OEQ
#
_cell.length_a   107.564
_cell.length_b   107.564
_cell.length_c   48.326
_cell.angle_alpha   90.000
_cell.angle_beta   90.000
_cell.angle_gamma   120.000
#
_symmetry.space_group_name_H-M   'P 3 2 1'
#
loop_
_entity.id
_entity.type
_entity.pdbx_description
1 polymer 'Mevalonyl-coenzyme A hydratase sidH'
2 water water
#
_entity_poly.entity_id   1
_entity_poly.type   'polypeptide(L)'
_entity_poly.pdbx_seq_one_letter_code
;MSTEAHPTVQGCLVSFPTPHILLLTLNRPEKRNCISLATSAEIQRLWTWFDTQPALYVAIITGTGESFCAGADLKEWNDL
NARGITNEMTAPGLAGLPRRRGSKPIIAAVNGYCLGGGFEMVANCDIVVASENATFGLPEVQRGIAAVAGSLPRLVRVLG
KQRAAEIALSGLSFSASQLERWGLVNRVVEHDQLLATAVEIATAISRNSPDSVRVTMEGLHYGWEMASVEEASSALVDQW
YAKLMAGENFHEGVRAFVEKRKPQWRPSKL
;
_entity_poly.pdbx_strand_id   A
#
# COMPACT_ATOMS: atom_id res chain seq x y z
N ALA A 5 15.85 17.12 4.06
CA ALA A 5 14.54 17.85 4.07
C ALA A 5 13.46 16.92 3.53
N HIS A 6 12.53 16.53 4.40
CA HIS A 6 11.36 15.67 4.08
C HIS A 6 10.17 16.18 4.88
N PRO A 7 8.92 15.95 4.44
CA PRO A 7 7.74 16.24 5.24
C PRO A 7 7.78 15.41 6.52
N THR A 8 7.22 15.98 7.60
CA THR A 8 7.04 15.26 8.88
C THR A 8 5.56 14.89 9.05
N VAL A 9 5.31 13.91 9.90
CA VAL A 9 3.95 13.42 10.20
C VAL A 9 3.79 13.35 11.69
N GLN A 10 2.88 14.05 12.32
CA GLN A 10 2.63 13.98 13.77
C GLN A 10 2.26 12.54 14.15
N GLY A 11 2.86 12.04 15.22
CA GLY A 11 2.56 10.70 15.74
C GLY A 11 3.15 9.59 14.91
N CYS A 12 4.06 9.88 13.98
CA CYS A 12 4.67 8.92 13.04
C CYS A 12 6.14 9.26 12.84
N LEU A 13 6.89 8.33 12.25
CA LEU A 13 8.30 8.54 11.91
C LEU A 13 8.49 8.34 10.41
N VAL A 14 9.33 9.18 9.83
CA VAL A 14 9.63 9.16 8.40
C VAL A 14 11.12 8.88 8.25
N SER A 15 11.47 7.80 7.59
CA SER A 15 12.89 7.38 7.48
C SER A 15 13.12 6.74 6.10
N PHE A 16 14.37 6.41 5.79
CA PHE A 16 14.81 6.00 4.44
C PHE A 16 15.71 4.79 4.56
N PRO A 17 15.16 3.57 4.46
CA PRO A 17 16.00 2.39 4.51
C PRO A 17 17.16 2.40 3.50
N THR A 18 16.91 2.95 2.32
CA THR A 18 17.91 3.30 1.26
C THR A 18 17.54 4.66 0.73
N PRO A 19 18.43 5.30 -0.07
CA PRO A 19 18.10 6.61 -0.65
C PRO A 19 16.89 6.60 -1.58
N HIS A 20 16.43 5.43 -1.99
CA HIS A 20 15.32 5.29 -2.95
C HIS A 20 14.06 4.75 -2.28
N ILE A 21 14.09 4.47 -0.97
CA ILE A 21 12.93 3.85 -0.28
C ILE A 21 12.49 4.71 0.91
N LEU A 22 11.21 5.04 0.95
CA LEU A 22 10.59 5.79 2.06
C LEU A 22 9.88 4.80 2.99
N LEU A 23 10.14 4.95 4.30
CA LEU A 23 9.40 4.19 5.33
C LEU A 23 8.60 5.17 6.20
N LEU A 24 7.30 4.91 6.31
CA LEU A 24 6.41 5.54 7.29
C LEU A 24 6.14 4.50 8.40
N THR A 25 6.43 4.93 9.61
CA THR A 25 6.16 4.12 10.82
C THR A 25 5.06 4.83 11.62
N LEU A 26 3.90 4.23 11.72
CA LEU A 26 2.82 4.68 12.60
C LEU A 26 3.28 4.51 14.04
N ASN A 27 3.32 5.54 14.83
CA ASN A 27 4.08 5.57 16.11
C ASN A 27 3.24 6.01 17.30
N ARG A 28 1.96 5.65 17.32
CA ARG A 28 1.06 5.89 18.47
C ARG A 28 0.41 4.55 18.84
N PRO A 29 1.23 3.52 19.21
CA PRO A 29 0.67 2.22 19.58
C PRO A 29 -0.15 2.28 20.87
N GLU A 30 0.09 3.29 21.69
CA GLU A 30 -0.63 3.52 22.97
C GLU A 30 -2.10 3.81 22.68
N LYS A 31 -2.44 4.25 21.47
CA LYS A 31 -3.85 4.47 21.02
C LYS A 31 -4.18 3.50 19.88
N ARG A 32 -3.55 2.33 19.86
CA ARG A 32 -3.76 1.26 18.84
C ARG A 32 -3.51 1.78 17.42
N ASN A 33 -2.64 2.78 17.33
CA ASN A 33 -2.20 3.37 16.03
C ASN A 33 -3.43 3.85 15.25
N CYS A 34 -4.48 4.26 15.95
CA CYS A 34 -5.60 4.99 15.29
CA CYS A 34 -5.60 4.99 15.32
C CYS A 34 -5.05 6.32 14.77
N ILE A 35 -5.63 6.78 13.67
CA ILE A 35 -5.15 7.95 12.88
C ILE A 35 -6.17 9.09 13.01
N SER A 36 -5.75 10.21 13.57
CA SER A 36 -6.57 11.44 13.69
C SER A 36 -6.76 12.07 12.30
N LEU A 37 -7.72 12.98 12.16
CA LEU A 37 -7.93 13.70 10.88
C LEU A 37 -6.65 14.47 10.50
N ALA A 38 -5.99 15.10 11.45
CA ALA A 38 -4.78 15.90 11.15
C ALA A 38 -3.65 14.94 10.72
N THR A 39 -3.49 13.80 11.39
CA THR A 39 -2.44 12.84 10.99
C THR A 39 -2.75 12.33 9.57
N SER A 40 -4.00 11.94 9.33
CA SER A 40 -4.43 11.46 7.99
C SER A 40 -4.00 12.46 6.90
N ALA A 41 -4.29 13.74 7.11
CA ALA A 41 -3.93 14.79 6.14
C ALA A 41 -2.40 14.90 5.94
N GLU A 42 -1.63 14.76 7.05
CA GLU A 42 -0.16 14.86 6.96
C GLU A 42 0.40 13.63 6.21
N ILE A 43 -0.18 12.43 6.46
CA ILE A 43 0.24 11.25 5.68
C ILE A 43 -0.07 11.42 4.18
N GLN A 44 -1.25 12.02 3.85
CA GLN A 44 -1.60 12.30 2.43
C GLN A 44 -0.54 13.22 1.83
N ARG A 45 -0.07 14.21 2.57
CA ARG A 45 0.96 15.12 2.02
CA ARG A 45 0.98 15.18 2.15
C ARG A 45 2.29 14.41 1.88
N LEU A 46 2.60 13.46 2.81
CA LEU A 46 3.83 12.69 2.58
C LEU A 46 3.76 11.86 1.30
N TRP A 47 2.64 11.22 1.02
CA TRP A 47 2.56 10.44 -0.24
C TRP A 47 2.60 11.39 -1.49
N THR A 48 2.02 12.60 -1.37
CA THR A 48 2.12 13.58 -2.49
C THR A 48 3.59 13.86 -2.76
N TRP A 49 4.36 14.08 -1.69
CA TRP A 49 5.81 14.30 -1.83
C TRP A 49 6.46 13.08 -2.48
N PHE A 50 6.21 11.91 -1.88
CA PHE A 50 6.77 10.63 -2.38
C PHE A 50 6.54 10.44 -3.86
N ASP A 51 5.29 10.68 -4.29
CA ASP A 51 4.90 10.42 -5.70
C ASP A 51 5.64 11.39 -6.63
N THR A 52 5.91 12.59 -6.13
CA THR A 52 6.44 13.70 -6.95
C THR A 52 7.98 13.72 -6.94
N GLN A 53 8.60 13.17 -5.89
CA GLN A 53 10.07 13.19 -5.65
C GLN A 53 10.72 12.17 -6.58
N PRO A 54 11.43 12.57 -7.67
CA PRO A 54 11.86 11.56 -8.64
C PRO A 54 12.81 10.47 -8.10
N ALA A 55 13.60 10.79 -7.07
CA ALA A 55 14.59 9.85 -6.50
C ALA A 55 13.95 8.77 -5.60
N LEU A 56 12.70 8.90 -5.18
CA LEU A 56 12.03 7.87 -4.36
C LEU A 56 11.28 6.90 -5.29
N TYR A 57 11.53 5.61 -5.13
CA TYR A 57 11.04 4.57 -6.06
C TYR A 57 9.94 3.69 -5.44
N VAL A 58 9.96 3.51 -4.13
CA VAL A 58 9.05 2.58 -3.40
CA VAL A 58 8.99 2.64 -3.43
C VAL A 58 8.87 3.11 -1.98
N ALA A 59 7.69 2.89 -1.40
CA ALA A 59 7.40 3.27 -0.01
C ALA A 59 6.89 2.02 0.73
N ILE A 60 7.08 2.09 2.05
CA ILE A 60 6.55 1.09 3.01
C ILE A 60 5.78 1.82 4.11
N ILE A 61 4.68 1.23 4.53
CA ILE A 61 3.99 1.67 5.75
C ILE A 61 3.99 0.47 6.75
N THR A 62 4.25 0.83 7.98
CA THR A 62 4.24 -0.21 9.07
C THR A 62 3.77 0.47 10.37
N GLY A 63 3.45 -0.35 11.39
CA GLY A 63 3.11 0.14 12.73
C GLY A 63 4.16 -0.24 13.76
N THR A 64 3.73 -0.22 15.00
CA THR A 64 4.61 -0.39 16.19
C THR A 64 3.85 -1.16 17.23
N GLY A 65 4.61 -1.89 18.10
CA GLY A 65 3.91 -2.62 19.15
C GLY A 65 3.01 -3.68 18.57
N GLU A 66 1.87 -3.85 19.18
CA GLU A 66 0.96 -4.93 18.73
CA GLU A 66 0.83 -4.87 18.86
C GLU A 66 -0.09 -4.40 17.73
N SER A 67 0.04 -3.13 17.25
CA SER A 67 -0.96 -2.59 16.30
CA SER A 67 -0.95 -2.53 16.33
C SER A 67 -0.28 -2.11 15.03
N PHE A 68 -0.90 -2.49 13.91
CA PHE A 68 -0.61 -1.80 12.62
C PHE A 68 -1.42 -0.49 12.56
N CYS A 69 -2.73 -0.64 12.66
CA CYS A 69 -3.65 0.51 12.64
C CYS A 69 -5.06 0.01 12.90
N ALA A 70 -5.69 0.57 13.92
CA ALA A 70 -7.08 0.23 14.26
C ALA A 70 -8.08 1.21 13.62
N GLY A 71 -7.64 2.05 12.68
CA GLY A 71 -8.52 2.92 11.87
C GLY A 71 -8.54 4.34 12.37
N ALA A 72 -9.66 5.00 12.11
CA ALA A 72 -9.82 6.42 12.46
C ALA A 72 -9.87 6.57 14.00
N ASP A 73 -9.45 7.72 14.51
CA ASP A 73 -9.64 8.07 15.93
C ASP A 73 -11.15 8.18 16.19
N LEU A 74 -11.71 7.23 16.96
CA LEU A 74 -13.19 7.12 17.15
C LEU A 74 -13.69 8.17 18.15
N LYS A 75 -12.85 8.61 19.09
CA LYS A 75 -13.17 9.70 20.04
C LYS A 75 -13.43 10.96 19.23
N GLU A 76 -12.57 11.24 18.25
CA GLU A 76 -12.67 12.44 17.37
C GLU A 76 -13.88 12.33 16.43
N TRP A 77 -14.08 11.16 15.78
CA TRP A 77 -15.21 10.91 14.86
C TRP A 77 -16.54 11.04 15.62
N ASN A 78 -16.59 10.60 16.88
CA ASN A 78 -17.80 10.70 17.76
C ASN A 78 -18.18 12.18 17.94
N ASP A 79 -17.19 13.07 18.07
CA ASP A 79 -17.39 14.55 18.07
C ASP A 79 -17.22 15.08 16.64
N ASN A 87 -18.15 14.44 8.33
CA ASN A 87 -17.06 13.43 8.25
C ASN A 87 -17.11 12.77 6.86
N GLU A 88 -16.84 13.56 5.81
CA GLU A 88 -17.01 13.16 4.38
C GLU A 88 -16.03 12.04 4.03
N MET A 89 -16.47 11.15 3.12
CA MET A 89 -15.72 9.94 2.69
C MET A 89 -15.41 10.09 1.18
N THR A 90 -14.14 10.34 0.85
CA THR A 90 -13.70 10.73 -0.52
C THR A 90 -12.39 10.02 -0.85
N ALA A 91 -11.89 10.15 -2.07
CA ALA A 91 -10.58 9.61 -2.45
C ALA A 91 -9.55 10.68 -2.16
N PRO A 92 -8.31 10.34 -1.74
CA PRO A 92 -7.82 8.97 -1.53
C PRO A 92 -8.16 8.35 -0.16
N GLY A 93 -8.75 9.10 0.76
CA GLY A 93 -9.26 8.55 2.04
C GLY A 93 -8.21 8.51 3.14
N LEU A 94 -8.52 7.74 4.19
CA LEU A 94 -7.72 7.68 5.45
C LEU A 94 -6.24 7.41 5.13
N ALA A 95 -5.36 8.30 5.58
CA ALA A 95 -3.90 8.19 5.37
C ALA A 95 -3.56 8.06 3.88
N GLY A 96 -4.46 8.53 3.02
CA GLY A 96 -4.23 8.55 1.57
C GLY A 96 -4.17 7.18 0.93
N LEU A 97 -4.68 6.13 1.56
CA LEU A 97 -4.49 4.78 0.99
C LEU A 97 -5.73 4.08 0.43
N PRO A 98 -6.91 4.05 1.09
CA PRO A 98 -7.99 3.19 0.61
C PRO A 98 -8.42 3.38 -0.85
N ARG A 99 -8.32 4.64 -1.31
CA ARG A 99 -8.74 4.97 -2.69
C ARG A 99 -7.60 5.66 -3.44
N ARG A 100 -6.36 5.44 -3.04
CA ARG A 100 -5.14 5.87 -3.74
C ARG A 100 -5.11 5.28 -5.15
N ARG A 101 -4.71 6.12 -6.11
CA ARG A 101 -4.28 5.61 -7.43
C ARG A 101 -2.82 6.04 -7.61
N GLY A 102 -1.89 5.21 -7.12
CA GLY A 102 -0.49 5.58 -6.95
C GLY A 102 0.32 5.54 -8.24
N SER A 103 1.30 6.43 -8.37
CA SER A 103 2.27 6.37 -9.48
CA SER A 103 2.34 6.46 -9.43
C SER A 103 3.40 5.39 -9.16
N LYS A 104 3.65 5.18 -7.88
CA LYS A 104 4.75 4.35 -7.35
C LYS A 104 4.19 3.45 -6.27
N PRO A 105 4.75 2.23 -6.13
CA PRO A 105 4.18 1.25 -5.21
C PRO A 105 4.42 1.53 -3.72
N ILE A 106 3.40 1.21 -2.94
CA ILE A 106 3.44 1.24 -1.46
C ILE A 106 3.18 -0.18 -0.94
N ILE A 107 4.13 -0.63 -0.08
CA ILE A 107 4.09 -1.98 0.57
C ILE A 107 3.58 -1.76 2.00
N ALA A 108 2.55 -2.49 2.40
CA ALA A 108 2.15 -2.56 3.82
C ALA A 108 2.92 -3.71 4.54
N ALA A 109 3.49 -3.32 5.66
CA ALA A 109 4.13 -4.35 6.55
C ALA A 109 3.28 -4.42 7.83
N VAL A 110 2.36 -5.37 7.88
CA VAL A 110 1.30 -5.40 8.91
C VAL A 110 1.83 -6.21 10.14
N ASN A 111 2.04 -5.49 11.23
CA ASN A 111 2.78 -6.05 12.40
C ASN A 111 1.82 -6.39 13.54
N GLY A 112 0.51 -6.34 13.38
CA GLY A 112 -0.44 -6.50 14.48
C GLY A 112 -1.87 -6.17 14.05
N TYR A 113 -2.68 -5.63 14.94
CA TYR A 113 -4.11 -5.35 14.66
C TYR A 113 -4.24 -4.44 13.42
N CYS A 114 -5.03 -4.92 12.47
CA CYS A 114 -5.29 -4.17 11.21
C CYS A 114 -6.82 -4.15 11.01
N LEU A 115 -7.47 -3.12 11.56
CA LEU A 115 -8.93 -3.10 11.82
C LEU A 115 -9.58 -1.83 11.22
N GLY A 116 -10.76 -2.01 10.66
CA GLY A 116 -11.57 -0.87 10.21
C GLY A 116 -10.82 -0.10 9.13
N GLY A 117 -10.70 1.22 9.32
CA GLY A 117 -9.97 2.04 8.33
C GLY A 117 -8.56 1.52 8.08
N GLY A 118 -7.93 0.89 9.12
CA GLY A 118 -6.59 0.34 8.89
C GLY A 118 -6.56 -0.81 7.89
N PHE A 119 -7.58 -1.63 7.91
CA PHE A 119 -7.73 -2.71 6.92
C PHE A 119 -8.13 -2.09 5.56
N GLU A 120 -8.99 -1.08 5.58
CA GLU A 120 -9.31 -0.43 4.27
C GLU A 120 -8.06 0.19 3.62
N MET A 121 -7.11 0.68 4.43
CA MET A 121 -5.82 1.15 3.91
C MET A 121 -5.12 0.01 3.18
N VAL A 122 -4.93 -1.12 3.93
CA VAL A 122 -4.11 -2.24 3.41
C VAL A 122 -4.72 -2.90 2.16
N ALA A 123 -6.06 -2.97 2.07
CA ALA A 123 -6.76 -3.61 0.94
C ALA A 123 -6.35 -2.95 -0.40
N ASN A 124 -5.92 -1.69 -0.37
CA ASN A 124 -5.47 -1.03 -1.62
C ASN A 124 -3.98 -0.77 -1.70
N CYS A 125 -3.15 -1.36 -0.80
CA CYS A 125 -1.70 -1.26 -0.95
C CYS A 125 -1.25 -2.20 -2.08
N ASP A 126 -0.11 -1.95 -2.67
CA ASP A 126 0.35 -2.70 -3.87
C ASP A 126 0.84 -4.12 -3.53
N ILE A 127 1.51 -4.23 -2.40
CA ILE A 127 2.06 -5.52 -1.86
C ILE A 127 1.78 -5.46 -0.36
N VAL A 128 1.51 -6.64 0.22
CA VAL A 128 1.17 -6.76 1.66
C VAL A 128 2.02 -7.91 2.28
N VAL A 129 2.89 -7.53 3.21
N VAL A 129 2.79 -7.55 3.27
CA VAL A 129 3.61 -8.52 4.11
CA VAL A 129 3.42 -8.67 4.04
C VAL A 129 2.94 -8.46 5.48
C VAL A 129 3.00 -8.47 5.48
N ALA A 130 2.91 -9.60 6.20
CA ALA A 130 2.32 -9.58 7.53
C ALA A 130 3.15 -10.50 8.45
N SER A 131 3.18 -10.11 9.69
CA SER A 131 3.75 -11.01 10.74
C SER A 131 2.68 -12.03 11.11
N GLU A 132 3.13 -13.17 11.70
CA GLU A 132 2.18 -14.25 12.06
C GLU A 132 1.12 -13.78 13.04
N ASN A 133 1.42 -12.83 13.88
CA ASN A 133 0.49 -12.35 14.93
C ASN A 133 -0.52 -11.32 14.38
N ALA A 134 -0.34 -10.83 13.15
CA ALA A 134 -1.27 -9.83 12.59
C ALA A 134 -2.69 -10.40 12.50
N THR A 135 -3.68 -9.49 12.65
CA THR A 135 -5.08 -9.86 12.48
C THR A 135 -5.80 -8.75 11.70
N PHE A 136 -6.85 -9.16 11.04
CA PHE A 136 -7.57 -8.27 10.08
C PHE A 136 -9.06 -8.32 10.32
N GLY A 137 -9.73 -7.17 10.22
CA GLY A 137 -11.18 -7.17 10.39
C GLY A 137 -11.78 -5.83 10.02
N LEU A 138 -13.08 -5.87 9.78
CA LEU A 138 -13.94 -4.66 9.54
C LEU A 138 -15.06 -4.66 10.56
N PRO A 139 -14.80 -4.24 11.83
CA PRO A 139 -15.84 -4.28 12.86
C PRO A 139 -16.92 -3.20 12.73
N GLU A 140 -16.89 -2.39 11.67
CA GLU A 140 -17.89 -1.32 11.40
C GLU A 140 -19.31 -1.87 11.61
N VAL A 141 -19.62 -3.03 11.03
CA VAL A 141 -21.01 -3.58 11.08
C VAL A 141 -21.43 -3.85 12.54
N GLN A 142 -20.49 -4.10 13.46
CA GLN A 142 -20.82 -4.37 14.89
CA GLN A 142 -20.81 -4.37 14.89
C GLN A 142 -21.18 -3.07 15.63
N ARG A 143 -20.79 -1.92 15.09
CA ARG A 143 -20.97 -0.58 15.74
C ARG A 143 -22.07 0.25 15.04
N GLY A 144 -22.73 -0.27 14.01
CA GLY A 144 -23.84 0.47 13.36
C GLY A 144 -23.38 1.35 12.22
N ILE A 145 -22.15 1.21 11.73
CA ILE A 145 -21.69 1.94 10.52
CA ILE A 145 -21.65 1.93 10.54
C ILE A 145 -21.29 0.87 9.48
N ALA A 146 -20.51 1.23 8.47
CA ALA A 146 -20.13 0.28 7.41
C ALA A 146 -18.77 0.71 6.88
N ALA A 147 -18.07 -0.23 6.24
CA ALA A 147 -16.76 0.02 5.64
C ALA A 147 -17.00 0.72 4.31
N VAL A 148 -16.97 2.05 4.29
CA VAL A 148 -17.32 2.82 3.06
C VAL A 148 -16.10 3.58 2.54
N ALA A 149 -14.89 3.28 3.02
CA ALA A 149 -13.68 4.00 2.57
C ALA A 149 -13.19 3.51 1.20
N GLY A 150 -13.76 2.42 0.62
CA GLY A 150 -13.40 1.90 -0.72
C GLY A 150 -12.91 0.44 -0.71
N SER A 151 -12.80 -0.19 0.46
CA SER A 151 -12.29 -1.56 0.52
C SER A 151 -13.28 -2.57 -0.05
N LEU A 152 -14.59 -2.39 0.08
CA LEU A 152 -15.52 -3.50 -0.24
C LEU A 152 -15.35 -3.96 -1.69
N PRO A 153 -15.39 -3.10 -2.72
CA PRO A 153 -15.23 -3.61 -4.09
C PRO A 153 -13.83 -4.19 -4.36
N ARG A 154 -12.83 -3.62 -3.69
CA ARG A 154 -11.41 -4.06 -3.82
C ARG A 154 -11.27 -5.45 -3.20
N LEU A 155 -11.85 -5.67 -2.04
CA LEU A 155 -11.75 -7.00 -1.38
C LEU A 155 -12.49 -8.03 -2.21
N VAL A 156 -13.63 -7.67 -2.82
CA VAL A 156 -14.36 -8.61 -3.73
C VAL A 156 -13.39 -9.06 -4.82
N ARG A 157 -12.61 -8.14 -5.38
CA ARG A 157 -11.71 -8.45 -6.50
C ARG A 157 -10.45 -9.19 -6.09
N VAL A 158 -10.03 -9.07 -4.84
CA VAL A 158 -8.83 -9.83 -4.33
C VAL A 158 -9.22 -11.16 -3.69
N LEU A 159 -10.18 -11.14 -2.80
CA LEU A 159 -10.51 -12.35 -2.00
C LEU A 159 -11.55 -13.21 -2.72
N GLY A 160 -12.30 -12.61 -3.62
CA GLY A 160 -13.55 -13.19 -4.14
C GLY A 160 -14.75 -12.76 -3.31
N LYS A 161 -15.94 -12.74 -3.93
CA LYS A 161 -17.17 -12.23 -3.27
C LYS A 161 -17.40 -12.92 -1.91
N GLN A 162 -17.29 -14.26 -1.89
CA GLN A 162 -17.79 -15.00 -0.68
C GLN A 162 -16.87 -14.74 0.56
N ARG A 163 -15.58 -14.56 0.32
CA ARG A 163 -14.63 -14.27 1.41
C ARG A 163 -14.72 -12.81 1.85
N ALA A 164 -14.86 -11.89 0.89
CA ALA A 164 -15.12 -10.48 1.25
C ALA A 164 -16.40 -10.40 2.08
N ALA A 165 -17.44 -11.14 1.67
CA ALA A 165 -18.74 -11.17 2.38
C ALA A 165 -18.58 -11.69 3.80
N GLU A 166 -17.85 -12.80 3.97
CA GLU A 166 -17.72 -13.35 5.33
C GLU A 166 -17.03 -12.33 6.26
N ILE A 167 -15.97 -11.69 5.77
CA ILE A 167 -15.24 -10.70 6.60
C ILE A 167 -16.17 -9.51 6.89
N ALA A 168 -16.71 -8.90 5.83
CA ALA A 168 -17.41 -7.61 5.99
C ALA A 168 -18.76 -7.78 6.69
N LEU A 169 -19.50 -8.86 6.41
CA LEU A 169 -20.82 -9.06 7.06
C LEU A 169 -20.70 -9.48 8.52
N SER A 170 -19.67 -10.26 8.86
CA SER A 170 -19.51 -10.76 10.24
C SER A 170 -18.90 -9.71 11.17
N GLY A 171 -17.98 -8.89 10.67
CA GLY A 171 -17.20 -7.97 11.49
C GLY A 171 -16.19 -8.63 12.40
N LEU A 172 -15.91 -9.94 12.25
CA LEU A 172 -14.97 -10.65 13.15
C LEU A 172 -13.52 -10.45 12.70
N SER A 173 -12.58 -10.90 13.54
CA SER A 173 -11.14 -10.83 13.23
C SER A 173 -10.67 -12.15 12.62
N PHE A 174 -9.77 -12.02 11.66
CA PHE A 174 -9.21 -13.12 10.84
C PHE A 174 -7.69 -13.04 10.91
N SER A 175 -7.01 -14.19 10.90
CA SER A 175 -5.55 -14.23 11.05
C SER A 175 -4.79 -13.85 9.79
N ALA A 176 -3.52 -13.50 9.97
CA ALA A 176 -2.57 -13.31 8.85
C ALA A 176 -2.59 -14.55 7.95
N SER A 177 -2.48 -15.73 8.55
CA SER A 177 -2.46 -16.97 7.74
CA SER A 177 -2.49 -17.01 7.79
C SER A 177 -3.74 -17.08 6.89
N GLN A 178 -4.89 -16.72 7.43
CA GLN A 178 -6.18 -16.76 6.65
CA GLN A 178 -6.16 -16.77 6.65
C GLN A 178 -6.10 -15.75 5.49
N LEU A 179 -5.62 -14.55 5.75
CA LEU A 179 -5.62 -13.53 4.68
C LEU A 179 -4.54 -13.82 3.64
N GLU A 180 -3.52 -14.64 3.94
CA GLU A 180 -2.59 -15.16 2.95
C GLU A 180 -3.28 -16.26 2.14
N ARG A 181 -3.97 -17.22 2.78
CA ARG A 181 -4.63 -18.30 2.01
CA ARG A 181 -4.68 -18.30 2.07
C ARG A 181 -5.66 -17.65 1.07
N TRP A 182 -6.25 -16.55 1.54
CA TRP A 182 -7.36 -15.92 0.77
C TRP A 182 -6.88 -14.91 -0.28
N GLY A 183 -5.64 -14.52 -0.30
CA GLY A 183 -5.12 -13.77 -1.48
C GLY A 183 -4.59 -12.37 -1.23
N LEU A 184 -4.86 -11.76 -0.08
CA LEU A 184 -4.44 -10.37 0.14
C LEU A 184 -2.99 -10.23 0.59
N VAL A 185 -2.57 -11.16 1.50
CA VAL A 185 -1.23 -11.09 2.11
C VAL A 185 -0.26 -11.90 1.23
N ASN A 186 0.77 -11.25 0.69
CA ASN A 186 1.75 -11.86 -0.22
C ASN A 186 2.57 -12.93 0.56
N ARG A 187 2.94 -12.59 1.77
CA ARG A 187 3.87 -13.43 2.58
CA ARG A 187 3.66 -13.60 2.59
C ARG A 187 3.53 -13.23 4.05
N VAL A 188 3.58 -14.32 4.82
CA VAL A 188 3.54 -14.25 6.30
C VAL A 188 4.92 -14.66 6.81
N VAL A 189 5.46 -13.84 7.69
CA VAL A 189 6.81 -14.07 8.26
C VAL A 189 6.76 -13.86 9.76
N GLU A 190 7.79 -14.41 10.43
CA GLU A 190 7.94 -14.13 11.88
C GLU A 190 8.11 -12.61 12.10
N HIS A 191 7.58 -12.10 13.21
CA HIS A 191 7.54 -10.65 13.53
C HIS A 191 8.95 -10.09 13.42
N ASP A 192 9.96 -10.81 13.91
CA ASP A 192 11.36 -10.30 13.87
C ASP A 192 11.77 -9.93 12.42
N GLN A 193 11.29 -10.68 11.43
CA GLN A 193 11.72 -10.55 10.01
CA GLN A 193 11.69 -10.59 10.00
C GLN A 193 10.76 -9.66 9.20
N LEU A 194 9.71 -9.12 9.80
CA LEU A 194 8.68 -8.37 9.00
C LEU A 194 9.32 -7.20 8.25
N LEU A 195 9.98 -6.27 8.93
CA LEU A 195 10.45 -5.06 8.21
C LEU A 195 11.53 -5.47 7.19
N ALA A 196 12.44 -6.38 7.54
CA ALA A 196 13.49 -6.78 6.61
C ALA A 196 12.86 -7.37 5.34
N THR A 197 11.79 -8.12 5.48
CA THR A 197 11.11 -8.76 4.32
C THR A 197 10.52 -7.65 3.42
N ALA A 198 9.85 -6.69 4.05
CA ALA A 198 9.29 -5.56 3.24
C ALA A 198 10.44 -4.83 2.54
N VAL A 199 11.51 -4.53 3.24
CA VAL A 199 12.67 -3.83 2.65
C VAL A 199 13.30 -4.64 1.52
N GLU A 200 13.40 -5.95 1.65
CA GLU A 200 13.97 -6.82 0.58
C GLU A 200 13.13 -6.67 -0.71
N ILE A 201 11.83 -6.75 -0.58
CA ILE A 201 10.92 -6.61 -1.74
C ILE A 201 11.07 -5.21 -2.31
N ALA A 202 11.05 -4.19 -1.47
CA ALA A 202 11.19 -2.79 -1.93
C ALA A 202 12.53 -2.63 -2.67
N THR A 203 13.59 -3.22 -2.13
CA THR A 203 14.94 -3.08 -2.71
C THR A 203 14.95 -3.70 -4.12
N ALA A 204 14.39 -4.90 -4.27
CA ALA A 204 14.29 -5.56 -5.58
C ALA A 204 13.60 -4.61 -6.58
N ILE A 205 12.47 -4.00 -6.20
CA ILE A 205 11.70 -3.10 -7.11
C ILE A 205 12.56 -1.86 -7.43
N SER A 206 13.26 -1.33 -6.44
CA SER A 206 14.06 -0.07 -6.52
C SER A 206 15.27 -0.23 -7.46
N ARG A 207 15.69 -1.46 -7.76
CA ARG A 207 16.83 -1.76 -8.67
C ARG A 207 16.40 -1.73 -10.13
N ASN A 208 15.10 -1.72 -10.38
CA ASN A 208 14.54 -1.79 -11.76
C ASN A 208 14.47 -0.38 -12.34
N SER A 209 14.22 -0.32 -13.63
CA SER A 209 14.11 0.99 -14.28
C SER A 209 12.93 1.75 -13.68
N PRO A 210 13.12 3.01 -13.21
CA PRO A 210 12.01 3.79 -12.69
C PRO A 210 10.89 4.03 -13.73
N ASP A 211 11.24 4.16 -15.01
CA ASP A 211 10.22 4.27 -16.09
C ASP A 211 9.42 2.97 -16.20
N SER A 212 10.11 1.83 -16.23
CA SER A 212 9.47 0.51 -16.28
C SER A 212 8.49 0.35 -15.11
N VAL A 213 8.88 0.76 -13.90
CA VAL A 213 8.00 0.58 -12.72
C VAL A 213 6.76 1.51 -12.89
N ARG A 214 6.92 2.73 -13.42
CA ARG A 214 5.78 3.64 -13.60
C ARG A 214 4.78 2.99 -14.57
N VAL A 215 5.26 2.52 -15.72
CA VAL A 215 4.37 1.94 -16.76
C VAL A 215 3.71 0.67 -16.24
N THR A 216 4.44 -0.15 -15.48
CA THR A 216 3.86 -1.37 -14.89
C THR A 216 2.72 -0.99 -13.93
N MET A 217 2.91 0.03 -13.09
CA MET A 217 1.87 0.50 -12.15
C MET A 217 0.61 0.87 -12.97
N GLU A 218 0.81 1.63 -14.07
CA GLU A 218 -0.36 2.02 -14.89
C GLU A 218 -1.09 0.77 -15.39
N GLY A 219 -0.35 -0.21 -15.92
CA GLY A 219 -0.98 -1.41 -16.49
C GLY A 219 -1.75 -2.18 -15.42
N LEU A 220 -1.19 -2.28 -14.23
CA LEU A 220 -1.86 -2.96 -13.09
C LEU A 220 -3.14 -2.20 -12.70
N HIS A 221 -3.09 -0.88 -12.68
CA HIS A 221 -4.30 -0.07 -12.36
C HIS A 221 -5.43 -0.32 -13.36
N TYR A 222 -5.10 -0.44 -14.63
CA TYR A 222 -6.16 -0.49 -15.68
C TYR A 222 -7.02 -1.74 -15.47
N GLY A 223 -6.42 -2.79 -14.89
CA GLY A 223 -7.08 -4.04 -14.47
C GLY A 223 -8.26 -3.83 -13.52
N TRP A 224 -8.24 -2.75 -12.72
CA TRP A 224 -9.29 -2.33 -11.75
C TRP A 224 -10.16 -1.18 -12.25
N GLU A 225 -9.88 -0.68 -13.44
CA GLU A 225 -10.47 0.60 -13.91
C GLU A 225 -11.35 0.43 -15.16
N MET A 226 -11.11 -0.58 -15.96
CA MET A 226 -11.76 -0.79 -17.26
C MET A 226 -12.58 -2.08 -17.25
N ALA A 227 -13.70 -2.09 -17.98
CA ALA A 227 -14.66 -3.21 -18.01
C ALA A 227 -14.00 -4.47 -18.59
N SER A 228 -13.15 -4.30 -19.58
CA SER A 228 -12.57 -5.41 -20.37
C SER A 228 -11.04 -5.42 -20.26
N VAL A 229 -10.50 -6.64 -20.28
CA VAL A 229 -9.02 -6.79 -20.29
C VAL A 229 -8.44 -6.26 -21.61
N GLU A 230 -9.19 -6.32 -22.72
CA GLU A 230 -8.70 -5.74 -23.99
C GLU A 230 -8.65 -4.21 -23.94
N GLU A 231 -9.63 -3.54 -23.35
CA GLU A 231 -9.55 -2.05 -23.24
C GLU A 231 -8.31 -1.67 -22.40
N ALA A 232 -8.06 -2.44 -21.33
CA ALA A 232 -6.91 -2.20 -20.45
C ALA A 232 -5.60 -2.45 -21.22
N SER A 233 -5.55 -3.49 -22.02
CA SER A 233 -4.35 -3.84 -22.83
C SER A 233 -4.05 -2.74 -23.84
N SER A 234 -5.07 -2.27 -24.57
CA SER A 234 -4.92 -1.21 -25.61
C SER A 234 -4.47 0.09 -24.95
N ALA A 235 -5.10 0.42 -23.81
CA ALA A 235 -4.82 1.69 -23.09
C ALA A 235 -3.35 1.74 -22.69
N LEU A 236 -2.81 0.64 -22.17
CA LEU A 236 -1.42 0.69 -21.71
C LEU A 236 -0.49 0.98 -22.91
N VAL A 237 -0.67 0.27 -24.02
CA VAL A 237 0.17 0.45 -25.23
C VAL A 237 -0.02 1.89 -25.74
N ASP A 238 -1.27 2.33 -25.89
CA ASP A 238 -1.60 3.62 -26.53
C ASP A 238 -1.05 4.80 -25.70
N GLN A 239 -1.17 4.72 -24.38
CA GLN A 239 -0.82 5.85 -23.50
C GLN A 239 0.66 5.84 -23.13
N TRP A 240 1.33 4.68 -23.02
CA TRP A 240 2.62 4.59 -22.30
C TRP A 240 3.76 3.99 -23.14
N TYR A 241 3.51 3.14 -24.14
CA TYR A 241 4.59 2.38 -24.81
C TYR A 241 5.58 3.33 -25.52
N ALA A 242 5.10 4.27 -26.37
CA ALA A 242 5.98 5.26 -27.04
C ALA A 242 6.82 6.02 -26.00
N LYS A 243 6.21 6.52 -24.92
CA LYS A 243 6.91 7.33 -23.88
C LYS A 243 8.02 6.50 -23.22
N LEU A 244 7.75 5.26 -22.87
CA LEU A 244 8.76 4.35 -22.27
C LEU A 244 9.95 4.16 -23.22
N MET A 245 9.70 3.93 -24.50
CA MET A 245 10.78 3.65 -25.49
C MET A 245 11.54 4.92 -25.85
N ALA A 246 10.97 6.11 -25.61
CA ALA A 246 11.63 7.42 -25.86
C ALA A 246 12.62 7.76 -24.72
N GLY A 247 12.55 7.08 -23.58
CA GLY A 247 13.24 7.54 -22.36
C GLY A 247 14.73 7.25 -22.40
N GLU A 248 15.56 8.04 -21.72
CA GLU A 248 17.02 7.74 -21.57
C GLU A 248 17.18 6.36 -20.89
N ASN A 249 16.28 5.98 -19.97
CA ASN A 249 16.46 4.67 -19.26
C ASN A 249 16.38 3.51 -20.25
N PHE A 250 15.41 3.51 -21.18
CA PHE A 250 15.24 2.42 -22.18
C PHE A 250 16.53 2.30 -23.00
N HIS A 251 17.12 3.42 -23.42
CA HIS A 251 18.36 3.42 -24.24
C HIS A 251 19.53 2.88 -23.40
N GLU A 252 19.59 3.23 -22.11
CA GLU A 252 20.62 2.68 -21.20
C GLU A 252 20.43 1.16 -21.08
N GLY A 253 19.18 0.70 -20.99
CA GLY A 253 18.86 -0.76 -20.95
C GLY A 253 19.44 -1.49 -22.16
N VAL A 254 19.33 -0.88 -23.35
CA VAL A 254 19.76 -1.46 -24.66
C VAL A 254 21.28 -1.38 -24.79
N ARG A 255 21.92 -0.30 -24.31
CA ARG A 255 23.40 -0.14 -24.32
C ARG A 255 24.00 -1.23 -23.42
N ALA A 256 23.39 -1.49 -22.27
CA ALA A 256 23.81 -2.47 -21.23
C ALA A 256 23.69 -3.91 -21.75
N PHE A 257 22.62 -4.23 -22.51
CA PHE A 257 22.41 -5.53 -23.19
C PHE A 257 23.51 -5.75 -24.23
N VAL A 258 23.59 -4.84 -25.21
CA VAL A 258 24.60 -4.90 -26.32
C VAL A 258 26.00 -4.99 -25.70
N GLU A 259 26.30 -4.20 -24.66
CA GLU A 259 27.66 -4.15 -24.03
C GLU A 259 27.82 -5.24 -22.96
N LYS A 260 26.75 -5.97 -22.61
CA LYS A 260 26.78 -7.10 -21.65
C LYS A 260 27.28 -6.62 -20.28
N ARG A 261 26.76 -5.47 -19.80
CA ARG A 261 27.06 -4.87 -18.47
C ARG A 261 25.76 -4.52 -17.75
N LYS A 262 25.85 -4.07 -16.49
CA LYS A 262 24.69 -3.69 -15.63
C LYS A 262 24.17 -2.32 -16.02
N PRO A 263 22.83 -2.13 -16.12
CA PRO A 263 22.27 -0.83 -16.45
C PRO A 263 22.38 0.16 -15.27
N GLN A 264 22.62 1.45 -15.56
CA GLN A 264 22.67 2.55 -14.57
C GLN A 264 21.45 3.43 -14.78
N TRP A 265 20.44 3.28 -13.92
CA TRP A 265 19.13 3.95 -14.12
C TRP A 265 19.20 5.40 -13.60
N ARG A 266 18.33 6.23 -14.15
CA ARG A 266 18.07 7.63 -13.74
C ARG A 266 16.62 7.69 -13.25
N PRO A 267 16.26 8.67 -12.39
CA PRO A 267 14.88 8.84 -11.98
C PRO A 267 13.93 9.11 -13.17
N SER A 268 12.65 8.76 -13.02
CA SER A 268 11.62 8.89 -14.11
C SER A 268 11.09 10.32 -14.16
N LYS A 269 10.68 10.76 -15.36
CA LYS A 269 9.84 11.97 -15.57
C LYS A 269 8.42 11.59 -15.97
N LEU A 270 8.05 10.30 -15.99
CA LEU A 270 6.74 9.78 -16.50
C LEU A 270 5.66 9.79 -15.42
#